data_5HSF
#
_entry.id   5HSF
#
_cell.length_a   47.713
_cell.length_b   43.880
_cell.length_c   49.579
_cell.angle_alpha   90.00
_cell.angle_beta   92.64
_cell.angle_gamma   90.00
#
_symmetry.space_group_name_H-M   'P 1 21 1'
#
loop_
_entity.id
_entity.type
_entity.pdbx_description
1 polymer 'Ig gamma-1 chain C region'
2 non-polymer 'TRIETHYLENE GLYCOL'
3 water water
#
_entity_poly.entity_id   1
_entity_poly.type   'polypeptide(L)'
_entity_poly.pdbx_seq_one_letter_code
;KAKGQPREPQVYTLPPSRDELTKNQVSLTCLVKGFYPSDIAVEWESNGQPENNYKTTPPVLDSDGSFFLYSKLTVDKSRW
QQGNVFSCSVMHEALHNHYTQKSLSLSPGKSEKDELGENLYFQSAGHHHHHH
;
_entity_poly.pdbx_strand_id   A,B
#
# COMPACT_ATOMS: atom_id res chain seq x y z
N GLY A 4 -26.24 -1.93 -8.73
CA GLY A 4 -24.92 -2.27 -8.11
C GLY A 4 -24.80 -3.72 -7.64
N GLN A 5 -24.28 -4.57 -8.52
CA GLN A 5 -24.09 -6.00 -8.22
C GLN A 5 -22.95 -6.18 -7.19
N PRO A 6 -23.05 -7.17 -6.28
CA PRO A 6 -21.91 -7.36 -5.37
C PRO A 6 -20.72 -7.91 -6.13
N ARG A 7 -19.52 -7.46 -5.76
N ARG A 7 -19.53 -7.47 -5.74
CA ARG A 7 -18.29 -7.92 -6.38
CA ARG A 7 -18.28 -7.89 -6.38
C ARG A 7 -17.33 -8.38 -5.29
C ARG A 7 -17.30 -8.36 -5.30
N GLU A 8 -16.71 -9.52 -5.53
CA GLU A 8 -15.79 -10.14 -4.61
C GLU A 8 -14.42 -9.44 -4.48
N PRO A 9 -13.94 -9.22 -3.23
CA PRO A 9 -12.62 -8.61 -3.15
C PRO A 9 -11.51 -9.53 -3.65
N GLN A 10 -10.47 -8.92 -4.22
CA GLN A 10 -9.24 -9.57 -4.66
C GLN A 10 -8.28 -9.13 -3.55
N VAL A 11 -7.53 -10.07 -2.97
CA VAL A 11 -6.62 -9.78 -1.85
C VAL A 11 -5.18 -10.11 -2.25
N TYR A 12 -4.31 -9.14 -2.07
CA TYR A 12 -2.89 -9.26 -2.44
C TYR A 12 -2.01 -8.81 -1.30
N THR A 13 -1.03 -9.61 -0.93
CA THR A 13 -0.09 -9.20 0.12
C THR A 13 1.21 -8.71 -0.55
N LEU A 14 1.78 -7.66 0.05
CA LEU A 14 2.98 -7.03 -0.45
C LEU A 14 4.02 -6.97 0.65
N PRO A 15 5.22 -7.47 0.39
CA PRO A 15 6.27 -7.41 1.42
C PRO A 15 6.80 -5.97 1.60
N PRO A 16 7.64 -5.75 2.59
CA PRO A 16 8.19 -4.42 2.74
C PRO A 16 9.07 -4.00 1.59
N SER A 17 9.10 -2.70 1.33
CA SER A 17 10.03 -2.12 0.34
C SER A 17 11.43 -2.41 0.81
N ARG A 18 12.37 -2.60 -0.14
N ARG A 18 12.37 -2.63 -0.13
CA ARG A 18 13.75 -2.86 0.25
CA ARG A 18 13.77 -2.86 0.29
C ARG A 18 14.34 -1.65 0.97
C ARG A 18 14.34 -1.64 0.99
N ASP A 19 13.85 -0.44 0.64
CA ASP A 19 14.31 0.77 1.31
C ASP A 19 13.88 0.78 2.79
N GLU A 20 12.72 0.19 3.09
CA GLU A 20 12.26 0.18 4.47
C GLU A 20 13.01 -0.89 5.28
N LEU A 21 13.61 -1.86 4.59
CA LEU A 21 14.34 -2.95 5.27
C LEU A 21 15.55 -2.47 6.11
N THR A 22 15.90 -1.19 5.99
CA THR A 22 16.99 -0.61 6.77
C THR A 22 16.54 -0.14 8.17
N LYS A 23 15.21 -0.10 8.40
CA LYS A 23 14.62 0.35 9.67
C LYS A 23 14.46 -0.80 10.67
N ASN A 24 14.13 -0.46 11.92
CA ASN A 24 13.93 -1.46 12.98
C ASN A 24 12.54 -2.10 12.90
N GLN A 25 11.61 -1.41 12.27
CA GLN A 25 10.26 -1.92 12.05
C GLN A 25 9.95 -1.77 10.58
N VAL A 26 9.19 -2.74 10.07
CA VAL A 26 8.83 -2.74 8.67
C VAL A 26 7.34 -2.87 8.50
N SER A 27 6.87 -2.51 7.32
CA SER A 27 5.46 -2.50 7.00
C SER A 27 5.10 -3.61 6.03
N LEU A 28 4.08 -4.38 6.39
N LEU A 28 4.11 -4.40 6.39
CA LEU A 28 3.54 -5.48 5.58
CA LEU A 28 3.58 -5.43 5.54
C LEU A 28 2.16 -5.00 5.10
C LEU A 28 2.28 -4.83 5.06
N THR A 29 1.95 -5.05 3.79
CA THR A 29 0.76 -4.45 3.17
C THR A 29 -0.21 -5.45 2.62
N CYS A 30 -1.48 -5.22 2.84
CA CYS A 30 -2.54 -6.03 2.27
C CYS A 30 -3.39 -5.07 1.41
N LEU A 31 -3.40 -5.32 0.11
CA LEU A 31 -4.23 -4.59 -0.85
C LEU A 31 -5.50 -5.41 -1.08
N VAL A 32 -6.66 -4.80 -0.90
CA VAL A 32 -7.94 -5.45 -1.08
C VAL A 32 -8.65 -4.61 -2.11
N LYS A 33 -8.93 -5.18 -3.29
CA LYS A 33 -9.52 -4.38 -4.35
C LYS A 33 -10.64 -5.06 -5.09
N GLY A 34 -11.38 -4.24 -5.82
CA GLY A 34 -12.47 -4.69 -6.67
C GLY A 34 -13.72 -5.15 -5.97
N PHE A 35 -13.96 -4.64 -4.76
CA PHE A 35 -15.11 -5.08 -3.98
C PHE A 35 -16.28 -4.11 -3.97
N TYR A 36 -17.47 -4.68 -3.81
CA TYR A 36 -18.71 -3.90 -3.75
C TYR A 36 -19.73 -4.77 -3.00
N PRO A 37 -20.46 -4.24 -2.03
CA PRO A 37 -20.42 -2.85 -1.55
C PRO A 37 -19.19 -2.56 -0.71
N SER A 38 -19.11 -1.38 -0.10
CA SER A 38 -17.93 -0.98 0.66
C SER A 38 -17.75 -1.58 2.04
N ASP A 39 -18.81 -2.15 2.64
CA ASP A 39 -18.73 -2.73 3.98
C ASP A 39 -17.74 -3.90 3.97
N ILE A 40 -16.73 -3.85 4.83
CA ILE A 40 -15.69 -4.89 4.83
C ILE A 40 -14.93 -4.89 6.16
N ALA A 41 -14.35 -6.04 6.52
CA ALA A 41 -13.50 -6.14 7.70
C ALA A 41 -12.17 -6.79 7.27
N VAL A 42 -11.06 -6.34 7.85
CA VAL A 42 -9.73 -6.84 7.54
C VAL A 42 -8.96 -7.05 8.83
N GLU A 43 -8.33 -8.19 8.99
N GLU A 43 -8.38 -8.23 9.02
CA GLU A 43 -7.54 -8.45 10.17
CA GLU A 43 -7.61 -8.57 10.21
C GLU A 43 -6.21 -9.03 9.72
C GLU A 43 -6.27 -9.22 9.83
N TRP A 44 -5.22 -8.92 10.59
CA TRP A 44 -3.92 -9.53 10.39
C TRP A 44 -3.67 -10.48 11.55
N GLU A 45 -2.97 -11.56 11.25
N GLU A 45 -3.03 -11.61 11.24
CA GLU A 45 -2.61 -12.55 12.27
CA GLU A 45 -2.72 -12.61 12.26
C GLU A 45 -1.27 -13.16 11.95
C GLU A 45 -1.41 -13.32 11.92
N SER A 46 -0.76 -13.89 12.94
CA SER A 46 0.47 -14.67 12.75
C SER A 46 0.43 -15.79 13.77
N ASN A 47 0.70 -17.03 13.34
CA ASN A 47 0.72 -18.18 14.24
C ASN A 47 -0.61 -18.34 14.99
N GLY A 48 -1.70 -18.10 14.26
CA GLY A 48 -3.08 -18.22 14.79
C GLY A 48 -3.52 -17.19 15.79
N GLN A 49 -2.75 -16.11 15.97
N GLN A 49 -2.75 -16.12 15.95
CA GLN A 49 -3.10 -15.06 16.92
CA GLN A 49 -3.05 -15.06 16.93
C GLN A 49 -3.14 -13.73 16.21
C GLN A 49 -3.15 -13.73 16.18
N PRO A 50 -4.17 -12.91 16.51
CA PRO A 50 -4.26 -11.62 15.86
C PRO A 50 -3.07 -10.70 16.21
N GLU A 51 -2.63 -9.94 15.23
CA GLU A 51 -1.56 -8.95 15.43
C GLU A 51 -2.12 -7.74 16.16
N ASN A 52 -1.22 -6.94 16.71
N ASN A 52 -1.25 -6.97 16.81
CA ASN A 52 -1.58 -5.77 17.50
CA ASN A 52 -1.70 -5.82 17.61
C ASN A 52 -1.46 -4.43 16.79
C ASN A 52 -1.36 -4.45 17.07
N ASN A 53 -0.44 -4.30 15.96
N ASN A 53 -0.64 -4.37 15.97
CA ASN A 53 -0.15 -2.99 15.37
CA ASN A 53 -0.26 -3.06 15.44
C ASN A 53 -0.46 -2.89 13.89
C ASN A 53 -0.47 -2.90 13.94
N TYR A 54 -1.75 -2.77 13.56
CA TYR A 54 -2.14 -2.57 12.18
C TYR A 54 -3.26 -1.57 12.12
N LYS A 55 -3.34 -0.92 10.96
CA LYS A 55 -4.34 0.09 10.66
C LYS A 55 -4.77 -0.11 9.22
N THR A 56 -6.00 0.24 8.92
CA THR A 56 -6.56 0.04 7.60
C THR A 56 -7.21 1.31 7.07
N THR A 57 -6.97 1.61 5.79
CA THR A 57 -7.58 2.79 5.22
C THR A 57 -9.06 2.58 5.04
N PRO A 58 -9.82 3.68 4.96
CA PRO A 58 -11.22 3.49 4.61
C PRO A 58 -11.30 2.98 3.15
N PRO A 59 -12.44 2.39 2.76
CA PRO A 59 -12.58 2.03 1.37
C PRO A 59 -12.59 3.29 0.49
N VAL A 60 -11.99 3.19 -0.70
CA VAL A 60 -11.90 4.29 -1.62
C VAL A 60 -12.50 3.85 -2.95
N LEU A 61 -13.29 4.75 -3.57
CA LEU A 61 -13.93 4.44 -4.82
C LEU A 61 -12.88 4.40 -5.93
N ASP A 62 -12.89 3.34 -6.71
CA ASP A 62 -11.92 3.14 -7.78
C ASP A 62 -12.55 3.56 -9.12
N SER A 63 -11.73 3.59 -10.17
CA SER A 63 -12.17 4.05 -11.49
C SER A 63 -13.31 3.23 -12.14
N ASP A 64 -13.44 1.97 -11.75
CA ASP A 64 -14.50 1.09 -12.27
C ASP A 64 -15.78 1.01 -11.40
N GLY A 65 -15.86 1.83 -10.36
CA GLY A 65 -17.03 1.81 -9.50
C GLY A 65 -16.96 0.83 -8.34
N SER A 66 -15.87 0.06 -8.26
CA SER A 66 -15.66 -0.84 -7.13
C SER A 66 -14.84 -0.06 -6.11
N PHE A 67 -14.58 -0.66 -4.95
CA PHE A 67 -13.78 -0.04 -3.90
C PHE A 67 -12.49 -0.79 -3.70
N PHE A 68 -11.51 -0.10 -3.14
CA PHE A 68 -10.27 -0.72 -2.70
C PHE A 68 -9.85 -0.12 -1.38
N LEU A 69 -8.96 -0.82 -0.68
CA LEU A 69 -8.35 -0.29 0.51
C LEU A 69 -7.01 -0.96 0.69
N TYR A 70 -6.24 -0.44 1.64
CA TYR A 70 -5.00 -1.04 2.06
C TYR A 70 -4.96 -1.18 3.56
N SER A 71 -4.37 -2.27 4.04
CA SER A 71 -4.15 -2.48 5.45
C SER A 71 -2.66 -2.61 5.68
N LYS A 72 -2.15 -1.86 6.64
CA LYS A 72 -0.71 -1.85 6.94
C LYS A 72 -0.47 -2.45 8.31
N LEU A 73 0.35 -3.48 8.33
CA LEU A 73 0.78 -4.14 9.54
C LEU A 73 2.23 -3.77 9.79
N THR A 74 2.51 -3.27 11.00
CA THR A 74 3.85 -2.92 11.38
C THR A 74 4.41 -3.99 12.30
N VAL A 75 5.57 -4.52 11.93
CA VAL A 75 6.26 -5.53 12.77
C VAL A 75 7.73 -5.24 12.92
N ASP A 76 8.34 -5.77 13.98
CA ASP A 76 9.78 -5.64 14.16
C ASP A 76 10.46 -6.35 12.99
N LYS A 77 11.49 -5.73 12.43
N LYS A 77 11.50 -5.72 12.45
CA LYS A 77 12.18 -6.32 11.30
CA LYS A 77 12.25 -6.29 11.32
C LYS A 77 12.66 -7.73 11.64
C LYS A 77 12.73 -7.71 11.63
N SER A 78 13.09 -7.95 12.89
CA SER A 78 13.54 -9.27 13.31
C SER A 78 12.49 -10.34 13.12
N ARG A 79 11.21 -10.01 13.32
CA ARG A 79 10.13 -10.99 13.16
C ARG A 79 9.96 -11.34 11.69
N TRP A 80 10.13 -10.34 10.82
CA TRP A 80 10.08 -10.57 9.39
C TRP A 80 11.25 -11.44 8.93
N GLN A 81 12.46 -11.10 9.35
CA GLN A 81 13.63 -11.89 8.95
C GLN A 81 13.73 -13.28 9.54
N GLN A 82 12.98 -13.56 10.62
CA GLN A 82 12.98 -14.88 11.22
C GLN A 82 11.95 -15.81 10.52
N GLY A 83 11.38 -15.35 9.40
CA GLY A 83 10.52 -16.20 8.61
C GLY A 83 9.11 -16.40 9.07
N ASN A 84 8.65 -15.58 9.99
CA ASN A 84 7.26 -15.70 10.44
C ASN A 84 6.30 -15.45 9.30
N VAL A 85 5.17 -16.16 9.33
CA VAL A 85 4.16 -16.05 8.30
C VAL A 85 3.06 -15.16 8.83
N PHE A 86 2.71 -14.12 8.07
CA PHE A 86 1.69 -13.18 8.47
C PHE A 86 0.56 -13.32 7.48
N SER A 87 -0.66 -13.27 7.98
CA SER A 87 -1.78 -13.44 7.12
C SER A 87 -2.79 -12.32 7.24
N CYS A 88 -3.38 -11.95 6.11
N CYS A 88 -3.35 -11.84 6.11
CA CYS A 88 -4.40 -10.92 6.01
CA CYS A 88 -4.43 -10.83 6.19
C CYS A 88 -5.71 -11.64 5.74
C CYS A 88 -5.70 -11.56 5.75
N SER A 89 -6.71 -11.46 6.62
CA SER A 89 -8.00 -12.12 6.47
C SER A 89 -9.05 -11.07 6.22
N VAL A 90 -9.92 -11.34 5.26
CA VAL A 90 -10.93 -10.39 4.83
C VAL A 90 -12.31 -11.00 4.92
N MET A 91 -13.27 -10.22 5.42
CA MET A 91 -14.67 -10.62 5.52
C MET A 91 -15.47 -9.64 4.68
N HIS A 92 -16.25 -10.19 3.75
CA HIS A 92 -17.04 -9.39 2.84
C HIS A 92 -18.19 -10.23 2.33
N GLU A 93 -19.34 -9.60 2.17
CA GLU A 93 -20.57 -10.31 1.78
C GLU A 93 -20.51 -10.99 0.40
N ALA A 94 -19.68 -10.48 -0.49
CA ALA A 94 -19.58 -11.06 -1.84
C ALA A 94 -18.68 -12.29 -1.94
N LEU A 95 -17.83 -12.52 -0.95
CA LEU A 95 -16.97 -13.71 -0.93
C LEU A 95 -17.85 -14.94 -0.75
N HIS A 96 -17.53 -16.02 -1.47
CA HIS A 96 -18.32 -17.26 -1.42
C HIS A 96 -18.61 -17.77 -0.01
N ASN A 97 -17.60 -17.70 0.86
CA ASN A 97 -17.69 -18.17 2.25
C ASN A 97 -17.57 -17.01 3.23
N HIS A 98 -17.79 -15.81 2.70
CA HIS A 98 -17.70 -14.54 3.44
C HIS A 98 -16.34 -14.28 4.07
N TYR A 99 -15.33 -15.03 3.63
CA TYR A 99 -14.01 -14.96 4.23
C TYR A 99 -12.96 -15.47 3.29
N THR A 100 -11.80 -14.83 3.30
CA THR A 100 -10.70 -15.28 2.47
C THR A 100 -9.41 -14.76 3.14
N GLN A 101 -8.31 -15.49 2.96
CA GLN A 101 -7.04 -15.15 3.58
C GLN A 101 -5.92 -15.28 2.61
N LYS A 102 -4.92 -14.42 2.76
CA LYS A 102 -3.68 -14.48 1.99
C LYS A 102 -2.52 -14.37 2.97
N SER A 103 -1.43 -15.11 2.71
CA SER A 103 -0.28 -15.09 3.59
C SER A 103 0.88 -14.35 2.99
N LEU A 104 1.84 -14.02 3.84
CA LEU A 104 3.01 -13.26 3.45
C LEU A 104 4.16 -13.66 4.33
N SER A 105 5.31 -14.01 3.72
N SER A 105 5.31 -13.98 3.72
CA SER A 105 6.49 -14.36 4.52
CA SER A 105 6.46 -14.39 4.50
C SER A 105 7.74 -14.18 3.70
C SER A 105 7.74 -14.24 3.69
N LEU A 106 8.87 -14.11 4.36
CA LEU A 106 10.12 -13.98 3.68
C LEU A 106 10.53 -15.36 3.17
N SER A 107 10.18 -16.38 3.95
CA SER A 107 10.52 -17.78 3.66
C SER A 107 9.73 -18.41 2.51
N PRO A 108 10.35 -19.37 1.79
CA PRO A 108 9.68 -20.05 0.66
C PRO A 108 8.72 -21.16 1.10
N LYS B 1 8.87 10.38 21.84
CA LYS B 1 7.56 9.99 21.24
C LYS B 1 6.52 11.11 21.32
N ALA B 2 6.97 12.37 21.43
CA ALA B 2 6.05 13.51 21.55
C ALA B 2 5.35 13.70 20.21
N LYS B 3 4.03 13.75 20.25
N LYS B 3 4.02 13.75 20.25
CA LYS B 3 3.25 13.91 19.05
CA LYS B 3 3.23 13.92 19.06
C LYS B 3 3.00 15.39 18.83
C LYS B 3 3.03 15.39 18.81
N GLY B 4 2.54 15.70 17.62
CA GLY B 4 2.22 17.07 17.22
C GLY B 4 3.22 17.89 16.47
N GLN B 5 4.44 17.37 16.29
N GLN B 5 4.44 17.38 16.27
CA GLN B 5 5.50 18.08 15.58
CA GLN B 5 5.44 18.14 15.55
C GLN B 5 5.58 17.66 14.11
C GLN B 5 5.48 17.71 14.10
N PRO B 6 5.93 18.61 13.21
CA PRO B 6 6.03 18.23 11.80
C PRO B 6 7.01 17.08 11.60
N ARG B 7 6.63 16.15 10.73
N ARG B 7 6.63 16.14 10.74
CA ARG B 7 7.45 14.99 10.44
CA ARG B 7 7.44 14.98 10.45
C ARG B 7 7.44 14.74 8.94
C ARG B 7 7.45 14.73 8.95
N GLU B 8 8.63 14.46 8.42
CA GLU B 8 8.86 14.20 7.02
C GLU B 8 8.28 12.86 6.57
N PRO B 9 7.53 12.83 5.45
CA PRO B 9 7.04 11.52 4.98
C PRO B 9 8.16 10.63 4.50
N GLN B 10 7.96 9.33 4.71
CA GLN B 10 8.84 8.30 4.22
C GLN B 10 8.03 7.76 3.05
N VAL B 11 8.66 7.66 1.89
CA VAL B 11 7.98 7.22 0.67
C VAL B 11 8.57 5.94 0.17
N TYR B 12 7.73 4.90 0.09
CA TYR B 12 8.15 3.58 -0.35
C TYR B 12 7.29 3.10 -1.52
N THR B 13 7.92 2.62 -2.57
CA THR B 13 7.18 2.08 -3.70
C THR B 13 7.21 0.55 -3.64
N LEU B 14 6.07 -0.06 -3.94
CA LEU B 14 5.91 -1.49 -3.85
C LEU B 14 5.39 -2.02 -5.18
N PRO B 15 6.08 -3.03 -5.73
CA PRO B 15 5.61 -3.60 -7.00
C PRO B 15 4.35 -4.45 -6.84
N PRO B 16 3.77 -4.91 -7.95
CA PRO B 16 2.61 -5.75 -7.82
C PRO B 16 2.90 -7.06 -7.08
N SER B 17 1.89 -7.58 -6.39
CA SER B 17 2.00 -8.88 -5.75
C SER B 17 2.17 -9.91 -6.86
N ARG B 18 2.94 -10.97 -6.61
CA ARG B 18 3.09 -12.01 -7.63
C ARG B 18 1.73 -12.56 -8.06
N ASP B 19 0.78 -12.65 -7.12
CA ASP B 19 -0.56 -13.18 -7.43
C ASP B 19 -1.36 -12.30 -8.40
N GLU B 20 -1.01 -11.02 -8.47
CA GLU B 20 -1.72 -10.09 -9.36
C GLU B 20 -1.26 -10.22 -10.80
N LEU B 21 -0.16 -10.94 -11.02
CA LEU B 21 0.35 -11.18 -12.36
C LEU B 21 -0.55 -12.15 -13.15
N THR B 22 -1.63 -12.63 -12.51
CA THR B 22 -2.61 -13.48 -13.19
C THR B 22 -3.62 -12.59 -13.94
N LYS B 23 -3.58 -11.27 -13.69
CA LYS B 23 -4.50 -10.32 -14.30
C LYS B 23 -3.87 -9.57 -15.47
N ASN B 24 -4.73 -8.87 -16.22
N ASN B 24 -4.68 -8.87 -16.26
CA ASN B 24 -4.34 -8.05 -17.39
CA ASN B 24 -4.13 -8.11 -17.39
C ASN B 24 -3.84 -6.64 -17.04
C ASN B 24 -3.64 -6.72 -16.97
N GLN B 25 -4.08 -6.25 -15.79
CA GLN B 25 -3.65 -4.97 -15.25
C GLN B 25 -3.08 -5.25 -13.89
N VAL B 26 -2.09 -4.47 -13.50
CA VAL B 26 -1.45 -4.64 -12.20
C VAL B 26 -1.46 -3.33 -11.44
N SER B 27 -1.29 -3.44 -10.13
CA SER B 27 -1.31 -2.29 -9.25
C SER B 27 0.10 -1.97 -8.75
N LEU B 28 0.47 -0.72 -8.87
N LEU B 28 0.49 -0.72 -8.93
CA LEU B 28 1.76 -0.19 -8.41
CA LEU B 28 1.76 -0.21 -8.41
C LEU B 28 1.41 0.64 -7.20
C LEU B 28 1.35 0.57 -7.18
N THR B 29 2.08 0.35 -6.09
CA THR B 29 1.74 1.01 -4.82
C THR B 29 2.79 1.94 -4.28
N CYS B 30 2.31 3.08 -3.77
CA CYS B 30 3.18 4.06 -3.11
C CYS B 30 2.67 4.20 -1.67
N LEU B 31 3.48 3.76 -0.74
CA LEU B 31 3.18 3.92 0.70
C LEU B 31 3.87 5.20 1.17
N VAL B 32 3.10 6.12 1.76
CA VAL B 32 3.66 7.36 2.28
C VAL B 32 3.33 7.33 3.75
N LYS B 33 4.37 7.22 4.59
CA LYS B 33 4.06 7.09 6.02
C LYS B 33 4.90 7.96 6.91
N GLY B 34 4.46 8.08 8.16
CA GLY B 34 5.18 8.81 9.18
C GLY B 34 5.12 10.30 9.04
N PHE B 35 4.12 10.83 8.36
CA PHE B 35 4.08 12.28 8.17
C PHE B 35 3.15 13.03 9.10
N TYR B 36 3.47 14.32 9.31
CA TYR B 36 2.65 15.18 10.14
C TYR B 36 2.98 16.62 9.73
N PRO B 37 1.99 17.50 9.55
CA PRO B 37 0.56 17.27 9.67
C PRO B 37 0.01 16.49 8.50
N SER B 38 -1.31 16.34 8.44
CA SER B 38 -1.92 15.49 7.41
C SER B 38 -2.02 16.05 6.00
N ASP B 39 -1.85 17.35 5.79
N ASP B 39 -1.84 17.37 5.88
CA ASP B 39 -1.97 17.94 4.45
CA ASP B 39 -1.90 18.08 4.60
C ASP B 39 -0.88 17.36 3.51
C ASP B 39 -0.77 17.57 3.73
N ILE B 40 -1.27 16.76 2.38
N ILE B 40 -1.15 17.04 2.55
CA ILE B 40 -0.28 16.15 1.52
CA ILE B 40 -0.22 16.42 1.59
C ILE B 40 -0.90 15.92 0.16
C ILE B 40 -0.87 16.23 0.18
N ALA B 41 -0.05 15.92 -0.84
CA ALA B 41 -0.53 15.67 -2.21
C ALA B 41 0.37 14.64 -2.84
N VAL B 42 -0.23 13.72 -3.60
CA VAL B 42 0.50 12.65 -4.25
C VAL B 42 0.10 12.55 -5.73
N GLU B 43 1.10 12.36 -6.60
N GLU B 43 1.07 12.29 -6.59
CA GLU B 43 0.90 12.24 -8.05
CA GLU B 43 0.77 12.10 -8.01
C GLU B 43 1.80 11.14 -8.62
C GLU B 43 1.68 10.99 -8.52
N TRP B 44 1.37 10.50 -9.71
CA TRP B 44 2.18 9.47 -10.37
C TRP B 44 2.52 9.97 -11.75
N GLU B 45 3.69 9.60 -12.21
N GLU B 45 3.69 9.55 -12.27
CA GLU B 45 4.10 10.01 -13.50
CA GLU B 45 4.21 9.93 -13.62
C GLU B 45 4.99 8.95 -14.04
C GLU B 45 5.03 8.78 -14.28
N SER B 46 5.18 9.03 -15.36
N SER B 46 5.37 8.87 -15.58
CA SER B 46 6.06 8.15 -16.11
CA SER B 46 6.20 7.84 -16.21
C SER B 46 6.43 8.89 -17.39
C SER B 46 7.35 8.54 -16.93
N ASN B 47 7.62 8.61 -17.92
N ASN B 47 7.01 9.28 -17.97
CA ASN B 47 8.08 9.26 -19.14
CA ASN B 47 7.99 10.04 -18.71
C ASN B 47 7.94 10.77 -18.96
C ASN B 47 7.65 11.52 -18.65
N GLY B 48 7.97 11.19 -17.69
N GLY B 48 7.92 12.13 -17.49
CA GLY B 48 7.85 12.60 -17.32
CA GLY B 48 7.64 13.53 -17.26
C GLY B 48 6.42 13.08 -17.25
C GLY B 48 6.17 13.84 -17.46
N GLN B 49 5.58 12.53 -18.12
N GLN B 49 5.40 12.81 -17.76
CA GLN B 49 4.17 12.91 -18.17
CA GLN B 49 3.96 12.97 -17.98
C GLN B 49 3.39 12.22 -17.06
C GLN B 49 3.14 12.27 -16.91
N PRO B 50 2.34 12.89 -16.58
N PRO B 50 2.08 12.97 -16.44
CA PRO B 50 1.51 12.31 -15.52
CA PRO B 50 1.16 12.50 -15.41
C PRO B 50 0.79 11.04 -15.98
C PRO B 50 0.33 11.28 -15.83
N GLU B 51 0.37 10.23 -15.01
CA GLU B 51 -0.38 9.00 -15.27
C GLU B 51 -1.86 9.29 -15.05
N ASN B 52 -2.71 8.51 -15.67
CA ASN B 52 -4.12 8.78 -15.56
C ASN B 52 -4.84 8.01 -14.47
N ASN B 53 -4.64 6.69 -14.48
CA ASN B 53 -5.39 5.78 -13.67
C ASN B 53 -4.81 5.48 -12.30
N TYR B 54 -4.87 6.46 -11.41
CA TYR B 54 -4.44 6.24 -10.01
C TYR B 54 -5.42 6.87 -9.05
N LYS B 55 -5.41 6.37 -7.82
CA LYS B 55 -6.29 6.84 -6.76
C LYS B 55 -5.50 6.79 -5.46
N THR B 56 -5.68 7.81 -4.64
CA THR B 56 -4.98 7.90 -3.36
C THR B 56 -5.96 7.85 -2.20
N THR B 57 -5.60 7.12 -1.14
CA THR B 57 -6.44 7.05 0.02
C THR B 57 -6.32 8.32 0.86
N PRO B 58 -7.33 8.59 1.68
CA PRO B 58 -7.13 9.71 2.58
C PRO B 58 -6.04 9.36 3.59
N PRO B 59 -5.47 10.39 4.26
CA PRO B 59 -4.53 10.09 5.32
C PRO B 59 -5.24 9.38 6.49
N VAL B 60 -4.51 8.47 7.14
CA VAL B 60 -4.98 7.65 8.26
C VAL B 60 -4.07 7.87 9.44
N LEU B 61 -4.65 8.13 10.60
CA LEU B 61 -3.87 8.35 11.81
C LEU B 61 -3.26 7.02 12.25
N ASP B 62 -1.93 6.99 12.36
CA ASP B 62 -1.23 5.76 12.73
C ASP B 62 -1.10 5.66 14.27
N SER B 63 -0.62 4.50 14.72
CA SER B 63 -0.51 4.23 16.15
C SER B 63 0.46 5.14 16.92
N ASP B 64 1.41 5.75 16.20
CA ASP B 64 2.38 6.66 16.81
C ASP B 64 1.99 8.14 16.69
N GLY B 65 0.77 8.42 16.22
CA GLY B 65 0.32 9.80 16.10
C GLY B 65 0.64 10.49 14.78
N SER B 66 1.41 9.83 13.92
CA SER B 66 1.72 10.37 12.59
C SER B 66 0.65 9.83 11.64
N PHE B 67 0.71 10.24 10.38
CA PHE B 67 -0.24 9.77 9.36
C PHE B 67 0.42 8.92 8.31
N PHE B 68 -0.38 8.09 7.63
CA PHE B 68 0.08 7.36 6.46
C PHE B 68 -1.04 7.34 5.43
N LEU B 69 -0.67 7.04 4.20
CA LEU B 69 -1.64 6.82 3.16
C LEU B 69 -1.00 5.92 2.11
N TYR B 70 -1.83 5.44 1.19
CA TYR B 70 -1.35 4.69 0.04
C TYR B 70 -1.92 5.31 -1.21
N SER B 71 -1.16 5.22 -2.31
CA SER B 71 -1.63 5.65 -3.62
C SER B 71 -1.46 4.45 -4.54
N LYS B 72 -2.50 4.11 -5.30
CA LYS B 72 -2.48 2.96 -6.21
C LYS B 72 -2.56 3.39 -7.64
N LEU B 73 -1.55 3.02 -8.43
CA LEU B 73 -1.53 3.29 -9.87
C LEU B 73 -1.83 1.98 -10.60
N THR B 74 -2.80 2.02 -11.51
CA THR B 74 -3.16 0.82 -12.27
C THR B 74 -2.60 0.95 -13.69
N VAL B 75 -1.81 -0.03 -14.11
CA VAL B 75 -1.24 -0.03 -15.46
C VAL B 75 -1.40 -1.38 -16.13
N ASP B 76 -1.43 -1.39 -17.46
N ASP B 76 -1.35 -1.38 -17.46
CA ASP B 76 -1.53 -2.64 -18.19
CA ASP B 76 -1.41 -2.58 -18.26
C ASP B 76 -0.28 -3.43 -17.83
C ASP B 76 -0.23 -3.44 -17.84
N LYS B 77 -0.46 -4.74 -17.62
CA LYS B 77 0.65 -5.62 -17.21
C LYS B 77 1.87 -5.57 -18.15
N SER B 78 1.62 -5.50 -19.45
N SER B 78 1.64 -5.50 -19.46
CA SER B 78 2.70 -5.43 -20.43
CA SER B 78 2.76 -5.46 -20.40
C SER B 78 3.63 -4.23 -20.20
C SER B 78 3.65 -4.23 -20.18
N ARG B 79 3.05 -3.08 -19.83
CA ARG B 79 3.85 -1.86 -19.57
C ARG B 79 4.79 -2.09 -18.38
N TRP B 80 4.29 -2.79 -17.37
CA TRP B 80 5.10 -3.12 -16.23
C TRP B 80 6.22 -4.09 -16.62
N GLN B 81 5.84 -5.16 -17.33
CA GLN B 81 6.79 -6.19 -17.75
C GLN B 81 7.88 -5.72 -18.71
N GLN B 82 7.62 -4.62 -19.42
CA GLN B 82 8.60 -4.06 -20.36
C GLN B 82 9.71 -3.24 -19.65
N GLY B 83 9.59 -3.04 -18.35
CA GLY B 83 10.63 -2.32 -17.63
C GLY B 83 10.47 -0.82 -17.54
N ASN B 84 9.28 -0.32 -17.87
CA ASN B 84 9.00 1.11 -17.76
C ASN B 84 9.10 1.56 -16.32
N VAL B 85 9.68 2.73 -16.14
CA VAL B 85 9.86 3.31 -14.82
C VAL B 85 8.72 4.27 -14.49
N PHE B 86 8.11 4.06 -13.32
CA PHE B 86 7.01 4.90 -12.85
C PHE B 86 7.49 5.62 -11.60
N SER B 87 6.98 6.82 -11.37
CA SER B 87 7.41 7.59 -10.21
C SER B 87 6.24 8.15 -9.41
N CYS B 88 6.31 8.03 -8.09
CA CYS B 88 5.35 8.55 -7.13
C CYS B 88 5.96 9.87 -6.62
N SER B 89 5.27 11.01 -6.78
CA SER B 89 5.74 12.31 -6.31
C SER B 89 4.90 12.72 -5.14
N VAL B 90 5.53 13.28 -4.11
CA VAL B 90 4.81 13.66 -2.90
C VAL B 90 5.16 15.08 -2.52
N MET B 91 4.14 15.87 -2.17
N MET B 91 4.14 15.87 -2.17
CA MET B 91 4.33 17.24 -1.74
CA MET B 91 4.31 17.25 -1.75
C MET B 91 3.87 17.37 -0.30
C MET B 91 3.86 17.38 -0.30
N HIS B 92 4.75 17.85 0.56
CA HIS B 92 4.45 18.00 1.99
C HIS B 92 5.37 19.05 2.58
N GLU B 93 4.86 19.80 3.56
CA GLU B 93 5.62 20.90 4.18
C GLU B 93 6.96 20.53 4.85
N ALA B 94 7.07 19.28 5.34
CA ALA B 94 8.28 18.85 6.05
C ALA B 94 9.39 18.29 5.16
N LEU B 95 9.14 18.18 3.85
CA LEU B 95 10.14 17.70 2.93
C LEU B 95 11.04 18.83 2.44
N HIS B 96 12.29 18.48 2.12
CA HIS B 96 13.25 19.42 1.51
C HIS B 96 12.59 19.89 0.21
N ASN B 97 12.53 21.20 -0.04
CA ASN B 97 11.88 21.75 -1.26
C ASN B 97 10.37 21.42 -1.30
N HIS B 98 9.82 20.92 -0.19
CA HIS B 98 8.42 20.48 -0.08
C HIS B 98 8.05 19.40 -1.10
N TYR B 99 9.04 18.64 -1.56
CA TYR B 99 8.80 17.65 -2.59
C TYR B 99 9.79 16.51 -2.57
N THR B 100 9.33 15.30 -2.91
CA THR B 100 10.21 14.19 -3.11
C THR B 100 9.56 13.28 -4.16
N GLN B 101 10.37 12.45 -4.77
CA GLN B 101 9.93 11.53 -5.82
C GLN B 101 10.62 10.19 -5.59
N LYS B 102 9.89 9.11 -5.83
N LYS B 102 9.89 9.09 -5.78
CA LYS B 102 10.41 7.78 -5.64
CA LYS B 102 10.45 7.75 -5.67
C LYS B 102 10.01 6.94 -6.87
C LYS B 102 10.04 6.99 -6.91
N SER B 103 10.97 6.25 -7.49
CA SER B 103 10.70 5.45 -8.71
C SER B 103 10.37 3.98 -8.40
N LEU B 104 9.77 3.31 -9.39
CA LEU B 104 9.39 1.92 -9.28
C LEU B 104 9.48 1.31 -10.68
N SER B 105 10.15 0.18 -10.78
CA SER B 105 10.30 -0.53 -12.05
C SER B 105 10.64 -2.00 -11.80
N LEU B 106 10.38 -2.83 -12.82
CA LEU B 106 10.66 -4.27 -12.71
C LEU B 106 12.16 -4.56 -12.81
N SER B 107 12.71 -5.20 -11.78
CA SER B 107 14.14 -5.56 -11.76
C SER B 107 14.46 -6.65 -12.82
N PRO B 108 15.48 -6.42 -13.67
CA PRO B 108 15.81 -7.41 -14.71
C PRO B 108 16.56 -8.64 -14.17
#